data_7JNP
#
_entry.id   7JNP
#
_cell.length_a   150.990
_cell.length_b   58.125
_cell.length_c   68.205
_cell.angle_alpha   90.000
_cell.angle_beta   90.000
_cell.angle_gamma   90.000
#
_symmetry.space_group_name_H-M   'C 1 2 1'
#
loop_
_entity.id
_entity.type
_entity.pdbx_description
1 polymer 'HTH-type transcriptional regulator MtrR'
2 polymer "DNA (5'-D(*TP*TP*AP*CP*AP*TP*AP*CP*AP*AP*CP*CP*AP*CP*GP*TP*AP*TP*GP*TP*A)-3')"
3 polymer "DNA (5'-D(*TP*AP*CP*AP*TP*AP*CP*GP*TP*GP*GP*TP*TP*GP*TP*AP*TP*GP*TP*AP*A)-3')"
4 non-polymer 'CALCIUM ION'
5 water water
#
loop_
_entity_poly.entity_id
_entity_poly.type
_entity_poly.pdbx_seq_one_letter_code
_entity_poly.pdbx_strand_id
1 'polypeptide(L)'
;SNAMRKTKTEALKTKEHLMLAALETFYRKGIARTSLNEIAQAAGVTRGALYWHFKNKEDLFDALFQRICDDIENCIAQDA
ADAEGGSWTVFRHTLLHFFERLQSNDIHYKFHNILFLKCEHTEQNAAVIAIARKHQAIWREKITAVLTEAVENQDLADDL
DKETAVIFIKSTLDGLIWRWFSSGESFDLGKTAPRIIGIMMDNLENHPCLRRK
;
A,B
2 'polydeoxyribonucleotide'
;(DT)(DT)(DA)(DC)(DA)(DT)(DA)(DC)(DA)(DA)(DC)(DC)(DA)(DC)(DG)(DT)(DA)(DT)(DG)(DT)
(DA)
;
C
3 'polydeoxyribonucleotide'
;(DT)(DA)(DC)(DA)(DT)(DA)(DC)(DG)(DT)(DG)(DG)(DT)(DT)(DG)(DT)(DA)(DT)(DG)(DT)(DA)
(DA)
;
D
#
loop_
_chem_comp.id
_chem_comp.type
_chem_comp.name
_chem_comp.formula
CA non-polymer 'CALCIUM ION' 'Ca 2'
DA DNA linking 2'-DEOXYADENOSINE-5'-MONOPHOSPHATE 'C10 H14 N5 O6 P'
DC DNA linking 2'-DEOXYCYTIDINE-5'-MONOPHOSPHATE 'C9 H14 N3 O7 P'
DG DNA linking 2'-DEOXYGUANOSINE-5'-MONOPHOSPHATE 'C10 H14 N5 O7 P'
DT DNA linking THYMIDINE-5'-MONOPHOSPHATE 'C10 H15 N2 O8 P'
#
# COMPACT_ATOMS: atom_id res chain seq x y z
N ALA A 11 31.55 -21.40 -7.61
CA ALA A 11 30.88 -21.76 -6.37
C ALA A 11 29.95 -20.64 -5.92
N LEU A 12 30.33 -19.39 -6.25
CA LEU A 12 29.48 -18.24 -5.91
C LEU A 12 28.14 -18.29 -6.66
N LYS A 13 28.04 -19.12 -7.70
CA LYS A 13 26.75 -19.34 -8.36
C LYS A 13 25.74 -19.93 -7.40
N THR A 14 26.20 -20.73 -6.42
CA THR A 14 25.29 -21.31 -5.45
C THR A 14 24.65 -20.23 -4.58
N LYS A 15 25.41 -19.21 -4.19
CA LYS A 15 24.85 -18.15 -3.35
C LYS A 15 23.83 -17.32 -4.12
N GLU A 16 24.15 -16.95 -5.36
CA GLU A 16 23.20 -16.18 -6.17
C GLU A 16 21.96 -17.00 -6.48
N HIS A 17 22.11 -18.31 -6.69
CA HIS A 17 20.94 -19.18 -6.86
C HIS A 17 20.04 -19.10 -5.63
N LEU A 18 20.64 -19.13 -4.45
CA LEU A 18 19.87 -19.12 -3.20
C LEU A 18 19.04 -17.84 -3.06
N MET A 19 19.66 -16.69 -3.32
CA MET A 19 18.95 -15.43 -3.18
C MET A 19 17.83 -15.30 -4.20
N LEU A 20 18.07 -15.74 -5.43
CA LEU A 20 17.00 -15.72 -6.43
C LEU A 20 15.93 -16.75 -6.12
N ALA A 21 16.33 -17.92 -5.60
CA ALA A 21 15.34 -18.87 -5.12
C ALA A 21 14.59 -18.31 -3.92
N ALA A 22 15.27 -17.54 -3.07
CA ALA A 22 14.60 -16.88 -1.96
C ALA A 22 13.56 -15.88 -2.47
N LEU A 23 13.94 -15.06 -3.45
CA LEU A 23 13.00 -14.10 -4.02
C LEU A 23 11.79 -14.79 -4.60
N GLU A 24 12.00 -15.85 -5.39
CA GLU A 24 10.89 -16.57 -5.99
C GLU A 24 9.98 -17.17 -4.93
N THR A 25 10.57 -17.82 -3.92
CA THR A 25 9.74 -18.45 -2.89
C THR A 25 9.08 -17.41 -1.99
N PHE A 26 9.81 -16.33 -1.65
CA PHE A 26 9.19 -15.24 -0.92
C PHE A 26 8.01 -14.65 -1.70
N TYR A 27 8.12 -14.63 -3.02
CA TYR A 27 7.07 -14.03 -3.84
C TYR A 27 5.85 -14.92 -3.96
N ARG A 28 6.01 -16.25 -3.85
CA ARG A 28 4.87 -17.11 -4.06
C ARG A 28 4.19 -17.54 -2.77
N LYS A 29 4.87 -17.45 -1.63
CA LYS A 29 4.32 -17.92 -0.37
C LYS A 29 4.33 -16.88 0.74
N GLY A 30 4.86 -15.68 0.50
CA GLY A 30 5.22 -14.80 1.58
C GLY A 30 6.46 -15.31 2.31
N ILE A 31 7.03 -14.43 3.14
CA ILE A 31 8.29 -14.74 3.79
C ILE A 31 8.09 -15.61 5.02
N ALA A 32 7.08 -15.29 5.82
CA ALA A 32 6.86 -16.01 7.07
C ALA A 32 6.55 -17.49 6.82
N ARG A 33 5.74 -17.77 5.81
CA ARG A 33 5.40 -19.14 5.46
C ARG A 33 6.48 -19.84 4.65
N THR A 34 7.61 -19.18 4.42
CA THR A 34 8.71 -19.75 3.64
C THR A 34 9.74 -20.32 4.60
N SER A 35 9.85 -21.65 4.62
CA SER A 35 10.89 -22.30 5.39
C SER A 35 12.21 -22.28 4.64
N LEU A 36 13.31 -22.33 5.39
CA LEU A 36 14.62 -22.40 4.74
C LEU A 36 14.76 -23.68 3.93
N ASN A 37 14.03 -24.73 4.31
CA ASN A 37 13.99 -25.95 3.50
C ASN A 37 13.39 -25.70 2.13
N GLU A 38 12.32 -24.92 2.07
CA GLU A 38 11.66 -24.66 0.79
C GLU A 38 12.57 -23.86 -0.15
N ILE A 39 13.30 -22.88 0.39
CA ILE A 39 14.25 -22.13 -0.43
C ILE A 39 15.32 -23.06 -0.97
N ALA A 40 15.84 -23.95 -0.12
CA ALA A 40 16.92 -24.84 -0.55
C ALA A 40 16.46 -25.80 -1.63
N GLN A 41 15.26 -26.37 -1.47
CA GLN A 41 14.72 -27.25 -2.50
C GLN A 41 14.49 -26.50 -3.81
N ALA A 42 13.97 -25.27 -3.72
CA ALA A 42 13.77 -24.46 -4.92
C ALA A 42 15.09 -24.12 -5.59
N ALA A 43 16.17 -24.04 -4.82
CA ALA A 43 17.51 -23.81 -5.36
C ALA A 43 18.24 -25.11 -5.69
N GLY A 44 17.58 -26.26 -5.56
CA GLY A 44 18.24 -27.52 -5.84
C GLY A 44 19.37 -27.87 -4.90
N VAL A 45 19.40 -27.28 -3.71
CA VAL A 45 20.45 -27.56 -2.74
C VAL A 45 19.82 -27.97 -1.41
N THR A 46 20.57 -27.86 -0.33
CA THR A 46 20.10 -28.23 1.00
C THR A 46 20.20 -27.03 1.94
N ARG A 47 19.65 -27.20 3.14
CA ARG A 47 19.72 -26.14 4.14
C ARG A 47 21.15 -25.87 4.59
N GLY A 48 22.03 -26.86 4.46
CA GLY A 48 23.43 -26.63 4.75
C GLY A 48 24.06 -25.58 3.84
N ALA A 49 23.58 -25.49 2.60
CA ALA A 49 24.04 -24.44 1.70
C ALA A 49 23.63 -23.07 2.21
N LEU A 50 22.36 -22.95 2.63
CA LEU A 50 21.86 -21.66 3.10
C LEU A 50 22.60 -21.20 4.35
N TYR A 51 22.62 -22.05 5.38
CA TYR A 51 23.27 -21.68 6.63
C TYR A 51 24.76 -21.42 6.45
N TRP A 52 25.38 -21.97 5.40
CA TRP A 52 26.75 -21.63 5.09
C TRP A 52 26.88 -20.17 4.68
N HIS A 53 26.04 -19.74 3.74
CA HIS A 53 26.12 -18.38 3.23
C HIS A 53 25.37 -17.36 4.08
N PHE A 54 24.38 -17.81 4.86
CA PHE A 54 23.52 -16.90 5.60
C PHE A 54 23.31 -17.40 7.02
N LYS A 55 23.22 -16.46 7.96
CA LYS A 55 23.08 -16.82 9.37
C LYS A 55 21.71 -17.42 9.65
N ASN A 56 20.67 -16.88 9.01
CA ASN A 56 19.30 -17.37 9.18
C ASN A 56 18.47 -16.75 8.06
N LYS A 57 17.14 -16.81 8.20
CA LYS A 57 16.27 -16.27 7.16
C LYS A 57 16.37 -14.75 7.10
N GLU A 58 16.58 -14.10 8.25
CA GLU A 58 16.69 -12.65 8.27
C GLU A 58 17.90 -12.17 7.47
N ASP A 59 19.05 -12.82 7.67
CA ASP A 59 20.26 -12.45 6.94
C ASP A 59 20.15 -12.76 5.46
N LEU A 60 19.38 -13.78 5.10
CA LEU A 60 19.15 -14.06 3.68
C LEU A 60 18.22 -13.03 3.06
N PHE A 61 17.16 -12.64 3.79
CA PHE A 61 16.25 -11.62 3.29
C PHE A 61 16.96 -10.27 3.19
N ASP A 62 17.78 -9.94 4.19
CA ASP A 62 18.46 -8.65 4.17
C ASP A 62 19.49 -8.57 3.05
N ALA A 63 20.35 -9.59 2.94
CA ALA A 63 21.34 -9.59 1.88
C ALA A 63 20.70 -9.57 0.49
N LEU A 64 19.57 -10.26 0.35
CA LEU A 64 18.86 -10.27 -0.93
C LEU A 64 18.23 -8.92 -1.22
N PHE A 65 17.54 -8.33 -0.23
CA PHE A 65 16.80 -7.11 -0.46
C PHE A 65 17.67 -5.85 -0.35
N GLN A 66 18.82 -5.93 0.32
CA GLN A 66 19.77 -4.83 0.26
C GLN A 66 20.37 -4.72 -1.15
N ARG A 67 20.67 -5.87 -1.75
CA ARG A 67 21.26 -5.85 -3.10
C ARG A 67 20.25 -5.34 -4.13
N ILE A 68 19.01 -5.79 -4.04
CA ILE A 68 18.00 -5.37 -5.00
C ILE A 68 17.66 -3.88 -4.79
N CYS A 69 17.51 -3.47 -3.54
CA CYS A 69 17.18 -2.07 -3.25
C CYS A 69 18.28 -1.14 -3.76
N ASP A 70 19.53 -1.58 -3.67
CA ASP A 70 20.63 -0.79 -4.24
C ASP A 70 20.52 -0.72 -5.75
N ASP A 71 20.19 -1.84 -6.40
CA ASP A 71 20.05 -1.84 -7.85
C ASP A 71 18.89 -0.98 -8.32
N ILE A 72 17.82 -0.89 -7.52
CA ILE A 72 16.72 0.00 -7.85
C ILE A 72 17.17 1.45 -7.77
N GLU A 73 17.90 1.80 -6.70
CA GLU A 73 18.45 3.14 -6.56
C GLU A 73 19.40 3.47 -7.71
N ASN A 74 20.03 2.46 -8.30
CA ASN A 74 21.02 2.70 -9.36
C ASN A 74 20.34 3.01 -10.70
N CYS A 75 19.25 2.30 -11.01
CA CYS A 75 18.56 2.54 -12.28
C CYS A 75 17.86 3.89 -12.28
N ILE A 76 17.27 4.27 -11.14
CA ILE A 76 16.68 5.61 -11.02
C ILE A 76 17.77 6.67 -11.20
N ALA A 77 18.97 6.41 -10.68
CA ALA A 77 20.07 7.34 -10.87
C ALA A 77 20.61 7.27 -12.29
N GLN A 78 20.73 6.06 -12.84
CA GLN A 78 21.29 5.93 -14.18
C GLN A 78 20.33 6.44 -15.25
N ASP A 79 19.03 6.22 -15.07
CA ASP A 79 18.06 6.72 -16.04
C ASP A 79 18.00 8.24 -16.02
N ALA A 80 18.29 8.86 -14.88
CA ALA A 80 18.26 10.32 -14.78
C ALA A 80 19.52 10.94 -15.38
N ALA A 81 20.69 10.33 -15.14
CA ALA A 81 21.93 10.88 -15.65
C ALA A 81 22.01 10.78 -17.16
N ASP A 82 21.44 9.73 -17.75
CA ASP A 82 21.39 9.55 -19.19
C ASP A 82 20.21 10.27 -19.84
N ALA A 83 19.55 11.16 -19.11
CA ALA A 83 18.35 11.83 -19.58
C ALA A 83 18.63 13.31 -19.81
N GLU A 84 18.26 13.79 -20.99
CA GLU A 84 18.40 15.20 -21.34
C GLU A 84 17.16 15.98 -20.90
N GLY A 85 17.37 17.25 -20.61
CA GLY A 85 16.31 18.13 -20.16
C GLY A 85 16.51 18.57 -18.72
N GLY A 86 15.56 19.38 -18.25
CA GLY A 86 15.61 19.86 -16.88
C GLY A 86 15.35 18.75 -15.88
N SER A 87 15.66 19.06 -14.61
CA SER A 87 15.46 18.09 -13.55
C SER A 87 14.00 17.67 -13.43
N TRP A 88 13.07 18.59 -13.71
CA TRP A 88 11.65 18.29 -13.64
C TRP A 88 11.17 17.51 -14.86
N THR A 89 11.81 17.72 -16.02
CA THR A 89 11.46 16.96 -17.21
C THR A 89 11.95 15.52 -17.12
N VAL A 90 13.17 15.32 -16.62
CA VAL A 90 13.71 13.98 -16.44
C VAL A 90 13.07 13.28 -15.25
N PHE A 91 12.36 14.02 -14.38
CA PHE A 91 11.70 13.39 -13.25
C PHE A 91 10.52 12.54 -13.74
N ARG A 92 9.69 13.11 -14.62
CA ARG A 92 8.69 12.31 -15.33
C ARG A 92 9.35 11.15 -16.05
N HIS A 93 10.50 11.40 -16.68
CA HIS A 93 11.24 10.37 -17.39
C HIS A 93 11.65 9.24 -16.45
N THR A 94 12.15 9.59 -15.26
CA THR A 94 12.56 8.57 -14.31
C THR A 94 11.37 7.82 -13.73
N LEU A 95 10.23 8.49 -13.55
CA LEU A 95 9.07 7.81 -12.98
C LEU A 95 8.47 6.83 -13.96
N LEU A 96 8.40 7.19 -15.25
CA LEU A 96 7.84 6.29 -16.25
C LEU A 96 8.68 5.03 -16.39
N HIS A 97 10.02 5.18 -16.38
CA HIS A 97 10.89 4.02 -16.46
C HIS A 97 10.81 3.15 -15.21
N PHE A 98 10.54 3.77 -14.06
CA PHE A 98 10.37 3.00 -12.82
C PHE A 98 9.20 2.02 -12.95
N PHE A 99 8.08 2.49 -13.50
CA PHE A 99 6.92 1.62 -13.67
C PHE A 99 7.07 0.68 -14.86
N GLU A 100 7.92 1.01 -15.83
CA GLU A 100 8.23 0.06 -16.89
C GLU A 100 9.05 -1.11 -16.35
N ARG A 101 9.96 -0.84 -15.42
CA ARG A 101 10.72 -1.91 -14.79
C ARG A 101 9.82 -2.78 -13.91
N LEU A 102 8.78 -2.21 -13.33
CA LEU A 102 7.84 -3.01 -12.54
C LEU A 102 7.18 -4.09 -13.40
N GLN A 103 7.00 -3.83 -14.70
CA GLN A 103 6.46 -4.84 -15.60
C GLN A 103 7.55 -5.77 -16.12
N SER A 104 8.66 -5.19 -16.60
CA SER A 104 9.65 -5.95 -17.35
C SER A 104 10.76 -6.53 -16.50
N ASN A 105 11.08 -5.91 -15.35
CA ASN A 105 12.17 -6.36 -14.49
C ASN A 105 11.59 -7.25 -13.41
N ASP A 106 11.75 -8.57 -13.58
CA ASP A 106 11.15 -9.53 -12.64
C ASP A 106 11.72 -9.37 -11.24
N ILE A 107 13.02 -9.07 -11.13
CA ILE A 107 13.63 -8.91 -9.82
C ILE A 107 13.05 -7.70 -9.11
N HIS A 108 13.00 -6.55 -9.80
CA HIS A 108 12.43 -5.35 -9.20
C HIS A 108 10.94 -5.51 -8.95
N TYR A 109 10.24 -6.23 -9.84
CA TYR A 109 8.83 -6.47 -9.64
C TYR A 109 8.57 -7.25 -8.37
N LYS A 110 9.29 -8.37 -8.19
CA LYS A 110 9.07 -9.21 -7.01
C LYS A 110 9.48 -8.47 -5.74
N PHE A 111 10.53 -7.66 -5.82
CA PHE A 111 10.97 -6.86 -4.68
C PHE A 111 9.83 -6.00 -4.13
N HIS A 112 9.23 -5.18 -5.00
CA HIS A 112 8.15 -4.30 -4.57
C HIS A 112 6.92 -5.10 -4.15
N ASN A 113 6.56 -6.11 -4.93
CA ASN A 113 5.38 -6.91 -4.61
C ASN A 113 5.51 -7.59 -3.25
N ILE A 114 6.72 -8.06 -2.93
CA ILE A 114 6.94 -8.67 -1.62
C ILE A 114 6.85 -7.61 -0.52
N LEU A 115 7.41 -6.42 -0.75
CA LEU A 115 7.39 -5.38 0.26
C LEU A 115 5.98 -4.89 0.56
N PHE A 116 5.12 -4.86 -0.46
CA PHE A 116 3.77 -4.33 -0.28
C PHE A 116 2.76 -5.37 0.19
N LEU A 117 2.90 -6.62 -0.26
CA LEU A 117 1.85 -7.61 -0.04
C LEU A 117 2.29 -8.83 0.77
N LYS A 118 3.53 -9.27 0.63
CA LYS A 118 3.92 -10.61 1.10
C LYS A 118 4.96 -10.54 2.21
N CYS A 119 4.88 -9.51 3.05
CA CYS A 119 5.72 -9.39 4.23
C CYS A 119 4.94 -8.61 5.29
N GLU A 120 5.32 -8.83 6.55
CA GLU A 120 4.68 -8.16 7.67
C GLU A 120 5.62 -7.08 8.18
N HIS A 121 5.26 -5.82 7.93
CA HIS A 121 6.05 -4.68 8.40
C HIS A 121 5.77 -4.49 9.89
N THR A 122 6.44 -5.31 10.70
CA THR A 122 6.31 -5.23 12.14
C THR A 122 7.68 -5.35 12.78
N GLU A 123 7.79 -4.81 14.01
CA GLU A 123 9.10 -4.54 14.59
C GLU A 123 9.96 -5.80 14.74
N GLN A 124 9.34 -6.95 14.97
CA GLN A 124 10.11 -8.18 15.13
C GLN A 124 10.78 -8.61 13.83
N ASN A 125 10.25 -8.19 12.68
CA ASN A 125 10.90 -8.43 11.38
C ASN A 125 11.82 -7.25 11.11
N ALA A 126 12.97 -7.25 11.78
CA ALA A 126 13.87 -6.10 11.77
C ALA A 126 14.34 -5.78 10.35
N ALA A 127 14.66 -6.81 9.56
CA ALA A 127 15.17 -6.57 8.22
C ALA A 127 14.10 -5.98 7.30
N VAL A 128 12.83 -6.33 7.51
CA VAL A 128 11.76 -5.79 6.68
C VAL A 128 11.60 -4.30 6.94
N ILE A 129 11.53 -3.90 8.21
CA ILE A 129 11.45 -2.48 8.55
C ILE A 129 12.68 -1.74 8.03
N ALA A 130 13.84 -2.40 8.03
CA ALA A 130 15.06 -1.76 7.55
C ALA A 130 15.02 -1.57 6.04
N ILE A 131 14.54 -2.57 5.29
CA ILE A 131 14.46 -2.43 3.85
C ILE A 131 13.42 -1.39 3.46
N ALA A 132 12.30 -1.35 4.20
CA ALA A 132 11.24 -0.38 3.89
C ALA A 132 11.74 1.05 4.09
N ARG A 133 12.44 1.29 5.20
CA ARG A 133 12.96 2.63 5.44
C ARG A 133 14.05 3.00 4.44
N LYS A 134 14.89 2.04 4.06
CA LYS A 134 15.91 2.29 3.05
C LYS A 134 15.28 2.68 1.72
N HIS A 135 14.25 1.94 1.30
CA HIS A 135 13.55 2.26 0.07
C HIS A 135 12.87 3.62 0.15
N GLN A 136 12.24 3.91 1.29
CA GLN A 136 11.55 5.19 1.44
C GLN A 136 12.53 6.35 1.51
N ALA A 137 13.65 6.16 2.22
CA ALA A 137 14.65 7.22 2.30
C ALA A 137 15.25 7.52 0.93
N ILE A 138 15.39 6.50 0.09
CA ILE A 138 15.84 6.71 -1.29
C ILE A 138 14.85 7.60 -2.02
N TRP A 139 13.57 7.25 -1.96
CA TRP A 139 12.55 8.02 -2.67
C TRP A 139 12.42 9.43 -2.10
N ARG A 140 12.46 9.55 -0.76
CA ARG A 140 12.47 10.88 -0.17
C ARG A 140 13.63 11.72 -0.68
N GLU A 141 14.82 11.11 -0.77
CA GLU A 141 15.99 11.85 -1.25
C GLU A 141 15.81 12.30 -2.69
N LYS A 142 15.37 11.40 -3.57
CA LYS A 142 15.20 11.75 -4.98
C LYS A 142 14.11 12.80 -5.15
N ILE A 143 12.97 12.60 -4.49
CA ILE A 143 11.85 13.52 -4.65
C ILE A 143 12.22 14.89 -4.09
N THR A 144 12.86 14.92 -2.93
CA THR A 144 13.22 16.21 -2.32
C THR A 144 14.14 17.01 -3.24
N ALA A 145 15.23 16.38 -3.71
CA ALA A 145 16.18 17.09 -4.55
C ALA A 145 15.54 17.55 -5.86
N VAL A 146 14.65 16.73 -6.44
CA VAL A 146 13.99 17.11 -7.68
C VAL A 146 13.09 18.33 -7.44
N LEU A 147 12.43 18.39 -6.28
CA LEU A 147 11.51 19.48 -6.01
C LEU A 147 12.23 20.81 -5.83
N THR A 148 13.36 20.80 -5.10
CA THR A 148 14.14 22.02 -4.94
C THR A 148 14.66 22.52 -6.28
N GLU A 149 15.12 21.59 -7.13
CA GLU A 149 15.65 21.98 -8.42
C GLU A 149 14.56 22.49 -9.35
N ALA A 150 13.35 21.97 -9.22
CA ALA A 150 12.24 22.34 -10.09
C ALA A 150 11.67 23.72 -9.78
N VAL A 151 11.76 24.16 -8.52
CA VAL A 151 11.36 25.53 -8.20
C VAL A 151 12.49 26.53 -8.43
N GLU A 152 13.75 26.07 -8.44
CA GLU A 152 14.88 26.89 -8.84
C GLU A 152 14.97 27.05 -10.35
N ASN A 153 13.91 26.58 -11.04
CA ASN A 153 13.81 26.70 -12.48
C ASN A 153 12.42 27.12 -12.90
N GLN A 154 11.55 27.52 -11.96
CA GLN A 154 10.22 28.04 -12.24
C GLN A 154 9.29 26.96 -12.79
N ASP A 155 9.80 25.71 -12.89
CA ASP A 155 8.95 24.60 -13.30
C ASP A 155 7.84 24.36 -12.28
N LEU A 156 8.11 24.63 -11.01
CA LEU A 156 7.09 24.69 -9.98
C LEU A 156 7.21 26.01 -9.23
N ALA A 157 6.11 26.47 -8.66
CA ALA A 157 6.09 27.76 -7.99
C ALA A 157 7.02 27.78 -6.79
N ASP A 158 7.62 28.94 -6.53
CA ASP A 158 8.54 29.08 -5.41
C ASP A 158 7.83 29.04 -4.06
N ASP A 159 6.51 29.12 -4.04
CA ASP A 159 5.74 28.94 -2.81
C ASP A 159 5.10 27.55 -2.74
N LEU A 160 5.71 26.57 -3.40
CA LEU A 160 5.22 25.20 -3.34
C LEU A 160 5.37 24.65 -1.93
N ASP A 161 4.30 24.04 -1.41
CA ASP A 161 4.37 23.31 -0.15
C ASP A 161 5.15 22.01 -0.37
N LYS A 162 6.47 22.07 -0.22
CA LYS A 162 7.31 20.95 -0.65
C LYS A 162 7.27 19.80 0.33
N GLU A 163 7.10 20.06 1.63
CA GLU A 163 6.94 18.98 2.58
C GLU A 163 5.68 18.17 2.27
N THR A 164 4.57 18.87 2.04
CA THR A 164 3.35 18.19 1.60
C THR A 164 3.53 17.56 0.23
N ALA A 165 4.41 18.14 -0.60
CA ALA A 165 4.59 17.64 -1.96
C ALA A 165 5.25 16.26 -1.96
N VAL A 166 6.23 16.04 -1.08
CA VAL A 166 6.87 14.72 -1.01
C VAL A 166 5.86 13.66 -0.57
N ILE A 167 5.07 13.97 0.45
CA ILE A 167 4.01 13.05 0.86
C ILE A 167 3.04 12.82 -0.29
N PHE A 168 2.64 13.90 -0.96
CA PHE A 168 1.72 13.79 -2.08
C PHE A 168 2.29 12.93 -3.20
N ILE A 169 3.57 13.12 -3.53
CA ILE A 169 4.17 12.34 -4.60
C ILE A 169 4.30 10.88 -4.21
N LYS A 170 4.91 10.61 -3.05
CA LYS A 170 5.13 9.23 -2.64
C LYS A 170 3.81 8.51 -2.38
N SER A 171 2.82 9.22 -1.84
CA SER A 171 1.51 8.60 -1.64
C SER A 171 0.87 8.22 -2.97
N THR A 172 0.93 9.12 -3.96
CA THR A 172 0.35 8.86 -5.27
C THR A 172 0.98 7.64 -5.93
N LEU A 173 2.30 7.51 -5.81
CA LEU A 173 3.00 6.41 -6.46
C LEU A 173 2.82 5.11 -5.70
N ASP A 174 2.87 5.18 -4.37
CA ASP A 174 2.61 4.00 -3.54
C ASP A 174 1.21 3.47 -3.79
N GLY A 175 0.24 4.36 -3.99
CA GLY A 175 -1.12 3.92 -4.23
C GLY A 175 -1.28 3.22 -5.55
N LEU A 176 -0.64 3.73 -6.60
CA LEU A 176 -0.66 3.06 -7.89
C LEU A 176 -0.03 1.68 -7.79
N ILE A 177 1.15 1.61 -7.15
CA ILE A 177 1.82 0.33 -6.96
C ILE A 177 0.96 -0.60 -6.12
N TRP A 178 0.39 -0.09 -5.02
CA TRP A 178 -0.44 -0.91 -4.17
C TRP A 178 -1.68 -1.40 -4.91
N ARG A 179 -2.40 -0.48 -5.56
CA ARG A 179 -3.61 -0.87 -6.28
C ARG A 179 -3.30 -1.90 -7.36
N TRP A 180 -2.22 -1.66 -8.12
CA TRP A 180 -1.83 -2.59 -9.18
C TRP A 180 -1.57 -3.99 -8.62
N PHE A 181 -0.80 -4.07 -7.53
CA PHE A 181 -0.53 -5.36 -6.89
C PHE A 181 -1.80 -5.94 -6.29
N SER A 182 -2.49 -5.16 -5.45
CA SER A 182 -3.68 -5.65 -4.76
C SER A 182 -4.77 -6.06 -5.74
N SER A 183 -4.81 -5.43 -6.92
CA SER A 183 -5.75 -5.85 -7.95
C SER A 183 -5.33 -7.14 -8.64
N GLY A 184 -4.14 -7.64 -8.37
CA GLY A 184 -3.61 -8.73 -9.16
C GLY A 184 -3.26 -8.29 -10.57
N GLU A 185 -2.73 -7.07 -10.71
CA GLU A 185 -2.38 -6.50 -12.01
C GLU A 185 -3.58 -6.46 -12.95
N SER A 186 -4.74 -6.08 -12.40
CA SER A 186 -5.97 -6.08 -13.17
C SER A 186 -6.00 -5.02 -14.26
N PHE A 187 -5.20 -3.96 -14.13
CA PHE A 187 -5.17 -2.90 -15.13
C PHE A 187 -3.78 -2.76 -15.72
N ASP A 188 -3.73 -2.11 -16.88
CA ASP A 188 -2.51 -1.94 -17.65
C ASP A 188 -1.65 -0.88 -16.99
N LEU A 189 -0.54 -1.29 -16.38
CA LEU A 189 0.38 -0.33 -15.78
C LEU A 189 1.02 0.56 -16.85
N GLY A 190 1.21 0.04 -18.06
CA GLY A 190 1.83 0.83 -19.11
C GLY A 190 0.96 1.98 -19.57
N LYS A 191 -0.36 1.84 -19.45
CA LYS A 191 -1.26 2.93 -19.81
C LYS A 191 -1.68 3.75 -18.61
N THR A 192 -1.81 3.12 -17.44
CA THR A 192 -2.33 3.81 -16.26
C THR A 192 -1.27 4.74 -15.66
N ALA A 193 -0.06 4.22 -15.46
CA ALA A 193 0.98 5.01 -14.80
C ALA A 193 1.30 6.33 -15.51
N PRO A 194 1.45 6.37 -16.84
CA PRO A 194 1.62 7.69 -17.50
C PRO A 194 0.51 8.67 -17.19
N ARG A 195 -0.74 8.20 -17.16
CA ARG A 195 -1.86 9.09 -16.83
C ARG A 195 -1.76 9.58 -15.39
N ILE A 196 -1.59 8.65 -14.45
CA ILE A 196 -1.57 9.01 -13.03
C ILE A 196 -0.36 9.88 -12.71
N ILE A 197 0.77 9.64 -13.37
CA ILE A 197 1.96 10.46 -13.13
C ILE A 197 1.76 11.86 -13.70
N GLY A 198 1.20 11.94 -14.92
CA GLY A 198 0.96 13.25 -15.52
C GLY A 198 -0.01 14.10 -14.72
N ILE A 199 -1.09 13.49 -14.24
CA ILE A 199 -2.02 14.19 -13.37
C ILE A 199 -1.32 14.63 -12.09
N MET A 200 -0.49 13.74 -11.52
CA MET A 200 0.24 14.07 -10.31
C MET A 200 1.18 15.26 -10.54
N MET A 201 1.89 15.26 -11.67
CA MET A 201 2.82 16.35 -11.96
C MET A 201 2.09 17.62 -12.35
N ASP A 202 0.93 17.50 -13.01
CA ASP A 202 0.11 18.67 -13.29
C ASP A 202 -0.40 19.29 -12.00
N ASN A 203 -0.74 18.44 -11.02
CA ASN A 203 -1.22 18.96 -9.74
C ASN A 203 -0.12 19.71 -8.99
N LEU A 204 1.13 19.23 -9.08
CA LEU A 204 2.24 19.91 -8.44
C LEU A 204 2.55 21.24 -9.11
N GLU A 205 2.14 21.41 -10.38
CA GLU A 205 2.40 22.67 -11.07
C GLU A 205 1.31 23.69 -10.79
N ASN A 206 0.04 23.25 -10.74
CA ASN A 206 -1.08 24.18 -10.78
C ASN A 206 -2.10 24.02 -9.66
N HIS A 207 -1.97 23.01 -8.79
CA HIS A 207 -3.04 22.98 -7.80
C HIS A 207 -2.68 23.86 -6.61
N PRO A 208 -3.60 24.72 -6.15
CA PRO A 208 -3.27 25.66 -5.07
C PRO A 208 -3.07 25.00 -3.72
N CYS A 209 -3.61 23.80 -3.50
CA CYS A 209 -3.45 23.15 -2.20
C CYS A 209 -2.04 22.61 -1.98
N LEU A 210 -1.25 22.47 -3.03
CA LEU A 210 0.17 22.17 -2.89
C LEU A 210 1.01 23.42 -2.73
N ARG A 211 0.37 24.56 -2.46
CA ARG A 211 1.01 25.80 -2.08
C ARG A 211 0.88 25.99 -0.57
N ARG A 212 1.79 26.74 0.01
CA ARG A 212 1.77 26.99 1.45
C ARG A 212 0.63 27.93 1.83
N LEU D 12 -20.82 -14.67 25.02
CA LEU D 12 -20.16 -13.94 23.95
C LEU D 12 -19.11 -12.99 24.49
N LYS D 13 -19.15 -12.76 25.81
CA LYS D 13 -18.15 -11.91 26.44
C LYS D 13 -16.75 -12.48 26.25
N THR D 14 -16.60 -13.79 26.39
CA THR D 14 -15.31 -14.42 26.14
C THR D 14 -14.93 -14.34 24.67
N LYS D 15 -15.90 -14.57 23.78
CA LYS D 15 -15.60 -14.54 22.35
C LYS D 15 -15.23 -13.14 21.89
N GLU D 16 -15.89 -12.11 22.43
CA GLU D 16 -15.55 -10.73 22.06
C GLU D 16 -14.17 -10.35 22.59
N HIS D 17 -13.83 -10.80 23.80
CA HIS D 17 -12.48 -10.58 24.32
C HIS D 17 -11.44 -11.18 23.38
N LEU D 18 -11.70 -12.40 22.90
CA LEU D 18 -10.72 -13.11 22.08
C LEU D 18 -10.48 -12.38 20.77
N MET D 19 -11.55 -11.96 20.10
CA MET D 19 -11.41 -11.28 18.82
C MET D 19 -10.71 -9.93 18.97
N LEU D 20 -11.05 -9.17 20.00
CA LEU D 20 -10.36 -7.91 20.24
C LEU D 20 -8.92 -8.14 20.69
N ALA D 21 -8.68 -9.19 21.47
CA ALA D 21 -7.30 -9.55 21.79
C ALA D 21 -6.57 -10.02 20.55
N ALA D 22 -7.26 -10.74 19.67
CA ALA D 22 -6.65 -11.10 18.38
C ALA D 22 -6.33 -9.86 17.57
N LEU D 23 -7.22 -8.86 17.58
CA LEU D 23 -6.99 -7.64 16.84
C LEU D 23 -5.72 -6.93 17.30
N GLU D 24 -5.57 -6.72 18.60
CA GLU D 24 -4.38 -6.04 19.09
C GLU D 24 -3.12 -6.86 18.83
N THR D 25 -3.17 -8.16 19.12
CA THR D 25 -1.98 -9.00 18.95
C THR D 25 -1.62 -9.12 17.46
N PHE D 26 -2.62 -9.35 16.60
CA PHE D 26 -2.37 -9.26 15.16
C PHE D 26 -1.74 -7.92 14.81
N TYR D 27 -2.15 -6.83 15.45
CA TYR D 27 -1.61 -5.53 15.08
C TYR D 27 -0.15 -5.39 15.51
N ARG D 28 0.16 -5.68 16.78
CA ARG D 28 1.49 -5.39 17.30
C ARG D 28 2.54 -6.41 16.89
N LYS D 29 2.16 -7.59 16.41
CA LYS D 29 3.15 -8.59 16.06
C LYS D 29 2.98 -9.14 14.65
N GLY D 30 1.97 -8.71 13.91
CA GLY D 30 1.63 -9.38 12.68
C GLY D 30 0.89 -10.68 12.92
N ILE D 31 0.25 -11.17 11.86
CA ILE D 31 -0.63 -12.32 12.01
C ILE D 31 0.17 -13.62 12.05
N ALA D 32 1.14 -13.77 11.14
CA ALA D 32 1.87 -15.03 11.05
C ALA D 32 2.68 -15.30 12.32
N ARG D 33 3.29 -14.26 12.88
CA ARG D 33 4.09 -14.40 14.10
C ARG D 33 3.24 -14.50 15.35
N THR D 34 1.91 -14.54 15.22
CA THR D 34 1.01 -14.54 16.37
C THR D 34 0.53 -15.97 16.61
N SER D 35 0.99 -16.57 17.71
CA SER D 35 0.47 -17.86 18.12
C SER D 35 -0.89 -17.68 18.79
N LEU D 36 -1.74 -18.70 18.64
CA LEU D 36 -3.03 -18.68 19.34
C LEU D 36 -2.83 -18.71 20.86
N ASN D 37 -1.68 -19.20 21.32
CA ASN D 37 -1.33 -19.09 22.72
C ASN D 37 -1.21 -17.64 23.15
N GLU D 38 -0.53 -16.82 22.34
CA GLU D 38 -0.35 -15.41 22.68
C GLU D 38 -1.68 -14.68 22.69
N ILE D 39 -2.54 -14.95 21.70
CA ILE D 39 -3.89 -14.37 21.70
C ILE D 39 -4.61 -14.75 22.99
N ALA D 40 -4.47 -16.00 23.42
CA ALA D 40 -5.18 -16.47 24.60
C ALA D 40 -4.69 -15.74 25.85
N GLN D 41 -3.38 -15.63 26.02
CA GLN D 41 -2.86 -14.95 27.19
C GLN D 41 -2.84 -13.43 27.04
N ALA D 42 -2.93 -12.92 25.80
CA ALA D 42 -3.24 -11.50 25.64
C ALA D 42 -4.67 -11.24 26.06
N ALA D 43 -5.58 -12.16 25.74
CA ALA D 43 -6.88 -12.21 26.39
C ALA D 43 -6.67 -12.73 27.81
N GLY D 44 -7.77 -13.01 28.50
CA GLY D 44 -7.68 -13.51 29.86
C GLY D 44 -7.77 -15.02 30.00
N VAL D 45 -7.63 -15.77 28.90
CA VAL D 45 -8.00 -17.18 28.89
C VAL D 45 -6.87 -18.06 28.39
N THR D 46 -7.22 -19.27 27.96
CA THR D 46 -6.30 -20.27 27.44
C THR D 46 -6.68 -20.61 26.00
N ARG D 47 -5.90 -21.50 25.39
CA ARG D 47 -6.17 -21.91 24.01
C ARG D 47 -7.43 -22.77 23.92
N GLY D 48 -7.89 -23.35 25.03
CA GLY D 48 -9.15 -24.06 25.02
C GLY D 48 -10.33 -23.14 24.73
N ALA D 49 -10.22 -21.88 25.18
CA ALA D 49 -11.26 -20.91 24.87
C ALA D 49 -11.29 -20.59 23.38
N LEU D 50 -10.11 -20.44 22.76
CA LEU D 50 -10.05 -20.10 21.35
C LEU D 50 -10.59 -21.23 20.49
N TYR D 51 -10.08 -22.46 20.70
CA TYR D 51 -10.50 -23.59 19.89
C TYR D 51 -11.96 -23.94 20.11
N TRP D 52 -12.55 -23.49 21.22
CA TRP D 52 -14.00 -23.63 21.38
C TRP D 52 -14.75 -22.72 20.41
N HIS D 53 -14.42 -21.42 20.44
CA HIS D 53 -15.13 -20.45 19.61
C HIS D 53 -14.66 -20.43 18.16
N PHE D 54 -13.46 -20.93 17.88
CA PHE D 54 -12.89 -20.82 16.54
C PHE D 54 -12.17 -22.11 16.17
N LYS D 55 -12.23 -22.45 14.89
CA LYS D 55 -11.62 -23.70 14.43
C LYS D 55 -10.10 -23.62 14.43
N ASN D 56 -9.55 -22.48 14.05
CA ASN D 56 -8.10 -22.27 14.00
C ASN D 56 -7.85 -20.78 13.88
N LYS D 57 -6.60 -20.41 13.57
CA LYS D 57 -6.26 -18.99 13.48
C LYS D 57 -6.96 -18.33 12.30
N GLU D 58 -7.11 -19.06 11.20
CA GLU D 58 -7.77 -18.47 10.03
C GLU D 58 -9.25 -18.23 10.29
N ASP D 59 -9.92 -19.17 10.97
CA ASP D 59 -11.33 -18.97 11.30
C ASP D 59 -11.51 -17.81 12.27
N LEU D 60 -10.56 -17.63 13.19
CA LEU D 60 -10.61 -16.48 14.09
C LEU D 60 -10.36 -15.19 13.34
N PHE D 61 -9.38 -15.18 12.44
CA PHE D 61 -9.11 -13.98 11.66
C PHE D 61 -10.28 -13.62 10.76
N ASP D 62 -10.93 -14.62 10.16
CA ASP D 62 -12.05 -14.34 9.27
C ASP D 62 -13.24 -13.79 10.04
N ALA D 63 -13.62 -14.43 11.14
CA ALA D 63 -14.75 -13.96 11.93
C ALA D 63 -14.48 -12.56 12.49
N LEU D 64 -13.24 -12.32 12.96
CA LEU D 64 -12.89 -10.99 13.46
C LEU D 64 -12.93 -9.94 12.36
N PHE D 65 -12.44 -10.29 11.17
CA PHE D 65 -12.28 -9.29 10.12
C PHE D 65 -13.49 -9.19 9.20
N GLN D 66 -14.32 -10.24 9.11
CA GLN D 66 -15.61 -10.06 8.44
C GLN D 66 -16.50 -9.13 9.23
N ARG D 67 -16.47 -9.23 10.56
CA ARG D 67 -17.31 -8.38 11.40
C ARG D 67 -16.86 -6.91 11.33
N ILE D 68 -15.55 -6.66 11.33
CA ILE D 68 -15.07 -5.29 11.28
C ILE D 68 -15.33 -4.68 9.92
N CYS D 69 -14.99 -5.41 8.85
CA CYS D 69 -15.19 -4.90 7.50
C CYS D 69 -16.66 -4.60 7.23
N ASP D 70 -17.56 -5.38 7.84
CA ASP D 70 -18.98 -5.06 7.75
C ASP D 70 -19.29 -3.75 8.48
N ASP D 71 -18.70 -3.55 9.65
CA ASP D 71 -18.91 -2.31 10.39
C ASP D 71 -18.35 -1.11 9.64
N ILE D 72 -17.23 -1.30 8.92
CA ILE D 72 -16.71 -0.21 8.09
C ILE D 72 -17.69 0.11 6.97
N GLU D 73 -18.21 -0.93 6.31
CA GLU D 73 -19.20 -0.73 5.26
C GLU D 73 -20.45 -0.06 5.80
N ASN D 74 -20.74 -0.21 7.09
CA ASN D 74 -21.96 0.34 7.67
C ASN D 74 -21.83 1.83 7.99
N CYS D 75 -20.65 2.27 8.46
CA CYS D 75 -20.44 3.69 8.73
C CYS D 75 -20.34 4.48 7.43
N ILE D 76 -19.66 3.93 6.42
CA ILE D 76 -19.68 4.53 5.08
C ILE D 76 -21.11 4.70 4.59
N ALA D 77 -21.96 3.69 4.81
CA ALA D 77 -23.35 3.80 4.39
C ALA D 77 -24.11 4.76 5.29
N GLN D 78 -23.86 4.73 6.60
CA GLN D 78 -24.62 5.54 7.53
C GLN D 78 -24.34 7.03 7.33
N ASP D 79 -23.08 7.39 7.08
CA ASP D 79 -22.74 8.79 6.88
C ASP D 79 -23.18 9.32 5.52
N ALA D 80 -23.37 8.44 4.53
CA ALA D 80 -23.90 8.89 3.26
C ALA D 80 -25.42 8.94 3.28
N ALA D 81 -26.05 7.99 3.96
CA ALA D 81 -27.51 8.02 4.14
C ALA D 81 -27.94 9.23 4.94
N ASP D 82 -27.06 9.77 5.79
CA ASP D 82 -27.29 11.06 6.43
C ASP D 82 -26.99 12.17 5.44
N ALA D 83 -27.53 12.06 4.22
CA ALA D 83 -27.20 12.91 3.09
C ALA D 83 -27.28 14.39 3.43
N GLU D 84 -26.12 15.03 3.61
CA GLU D 84 -26.08 16.46 3.90
C GLU D 84 -26.26 17.31 2.65
N GLY D 85 -26.03 16.74 1.46
CA GLY D 85 -26.21 17.46 0.22
C GLY D 85 -26.37 16.54 -0.98
N GLY D 86 -25.80 16.95 -2.13
CA GLY D 86 -25.85 16.13 -3.31
C GLY D 86 -24.96 14.90 -3.21
N SER D 87 -25.18 13.96 -4.14
CA SER D 87 -24.48 12.68 -4.12
C SER D 87 -22.98 12.86 -4.16
N TRP D 88 -22.51 13.80 -4.97
CA TRP D 88 -21.08 14.07 -5.07
C TRP D 88 -20.59 14.96 -3.94
N THR D 89 -21.43 15.88 -3.48
CA THR D 89 -21.06 16.62 -2.27
C THR D 89 -20.97 15.69 -1.05
N VAL D 90 -21.88 14.72 -0.94
CA VAL D 90 -21.83 13.78 0.17
C VAL D 90 -20.63 12.85 0.05
N PHE D 91 -20.20 12.55 -1.18
CA PHE D 91 -19.06 11.66 -1.38
C PHE D 91 -17.79 12.22 -0.74
N ARG D 92 -17.57 13.53 -0.84
CA ARG D 92 -16.41 14.16 -0.21
C ARG D 92 -16.40 13.90 1.29
N HIS D 93 -17.55 13.99 1.93
CA HIS D 93 -17.62 13.87 3.38
C HIS D 93 -17.59 12.42 3.84
N THR D 94 -18.11 11.50 3.03
CA THR D 94 -17.91 10.08 3.33
C THR D 94 -16.43 9.74 3.37
N LEU D 95 -15.65 10.32 2.46
CA LEU D 95 -14.21 10.08 2.46
C LEU D 95 -13.56 10.74 3.67
N LEU D 96 -13.94 11.99 3.96
CA LEU D 96 -13.37 12.69 5.12
C LEU D 96 -13.70 11.98 6.42
N HIS D 97 -14.94 11.50 6.55
CA HIS D 97 -15.31 10.74 7.74
C HIS D 97 -14.55 9.41 7.80
N PHE D 98 -14.20 8.85 6.64
CA PHE D 98 -13.45 7.61 6.62
C PHE D 98 -12.05 7.79 7.21
N PHE D 99 -11.39 8.90 6.88
CA PHE D 99 -10.05 9.14 7.38
C PHE D 99 -10.04 9.68 8.80
N GLU D 100 -11.13 10.30 9.24
CA GLU D 100 -11.26 10.61 10.66
C GLU D 100 -11.43 9.34 11.48
N ARG D 101 -12.17 8.37 10.95
CA ARG D 101 -12.31 7.08 11.64
C ARG D 101 -10.97 6.38 11.77
N LEU D 102 -10.09 6.52 10.78
CA LEU D 102 -8.79 5.87 10.86
C LEU D 102 -7.93 6.44 11.99
N GLN D 103 -8.26 7.63 12.49
CA GLN D 103 -7.57 8.20 13.63
CA GLN D 103 -7.57 8.20 13.63
C GLN D 103 -8.27 7.88 14.95
N SER D 104 -9.58 8.11 14.99
CA SER D 104 -10.36 7.96 16.22
C SER D 104 -10.85 6.54 16.46
N ASN D 105 -11.18 5.78 15.41
CA ASN D 105 -11.73 4.44 15.58
C ASN D 105 -10.56 3.44 15.62
N ASP D 106 -10.24 3.00 16.84
CA ASP D 106 -9.10 2.11 17.05
C ASP D 106 -9.30 0.76 16.38
N ILE D 107 -10.55 0.29 16.30
CA ILE D 107 -10.85 -0.97 15.64
C ILE D 107 -10.66 -0.84 14.13
N HIS D 108 -11.25 0.19 13.53
CA HIS D 108 -11.10 0.41 12.09
C HIS D 108 -9.65 0.73 11.74
N TYR D 109 -8.96 1.48 12.60
CA TYR D 109 -7.55 1.77 12.37
C TYR D 109 -6.73 0.50 12.30
N LYS D 110 -6.82 -0.35 13.32
CA LYS D 110 -6.09 -1.62 13.32
C LYS D 110 -6.44 -2.47 12.11
N PHE D 111 -7.74 -2.60 11.82
CA PHE D 111 -8.17 -3.41 10.68
C PHE D 111 -7.38 -3.04 9.43
N HIS D 112 -7.41 -1.75 9.07
CA HIS D 112 -6.68 -1.31 7.88
C HIS D 112 -5.18 -1.47 8.06
N ASN D 113 -4.66 -1.16 9.26
CA ASN D 113 -3.25 -1.35 9.52
C ASN D 113 -2.86 -2.83 9.44
N ILE D 114 -3.69 -3.72 9.98
CA ILE D 114 -3.42 -5.14 9.87
C ILE D 114 -3.58 -5.63 8.45
N LEU D 115 -4.47 -5.02 7.68
CA LEU D 115 -4.72 -5.44 6.30
C LEU D 115 -3.94 -4.55 5.33
N PHE D 116 -2.66 -4.32 5.63
CA PHE D 116 -1.82 -3.46 4.82
C PHE D 116 -0.34 -3.76 5.07
N LEU D 117 0.07 -3.73 6.35
CA LEU D 117 1.47 -3.96 6.72
C LEU D 117 1.63 -5.05 7.77
N LYS D 118 0.56 -5.75 8.15
CA LYS D 118 0.65 -6.73 9.21
C LYS D 118 0.09 -8.08 8.79
N CYS D 119 0.17 -8.39 7.50
CA CYS D 119 -0.38 -9.63 6.94
C CYS D 119 0.21 -9.83 5.56
N GLU D 120 0.28 -11.10 5.15
CA GLU D 120 0.82 -11.46 3.84
C GLU D 120 -0.34 -11.84 2.92
N HIS D 121 -0.51 -11.07 1.84
CA HIS D 121 -1.54 -11.34 0.82
C HIS D 121 -1.01 -12.42 -0.10
N THR D 122 -1.13 -13.67 0.35
CA THR D 122 -0.71 -14.82 -0.44
C THR D 122 -1.79 -15.89 -0.39
N GLU D 123 -1.82 -16.73 -1.43
CA GLU D 123 -2.97 -17.61 -1.65
C GLU D 123 -3.20 -18.56 -0.47
N GLN D 124 -2.14 -18.96 0.23
CA GLN D 124 -2.30 -19.91 1.33
C GLN D 124 -3.03 -19.28 2.52
N ASN D 125 -2.95 -17.96 2.70
CA ASN D 125 -3.73 -17.26 3.71
C ASN D 125 -5.09 -16.92 3.10
N ALA D 126 -5.98 -17.93 3.09
CA ALA D 126 -7.23 -17.82 2.36
C ALA D 126 -8.07 -16.65 2.84
N ALA D 127 -8.14 -16.46 4.17
CA ALA D 127 -9.03 -15.44 4.71
C ALA D 127 -8.50 -14.03 4.46
N VAL D 128 -7.17 -13.86 4.41
CA VAL D 128 -6.61 -12.54 4.13
C VAL D 128 -6.98 -12.10 2.72
N ILE D 129 -6.77 -12.97 1.73
CA ILE D 129 -7.13 -12.66 0.35
C ILE D 129 -8.62 -12.41 0.24
N ALA D 130 -9.43 -13.17 1.00
CA ALA D 130 -10.87 -13.03 0.91
C ALA D 130 -11.34 -11.71 1.49
N ILE D 131 -10.74 -11.27 2.60
CA ILE D 131 -11.16 -10.01 3.21
C ILE D 131 -10.68 -8.83 2.36
N ALA D 132 -9.48 -8.93 1.79
CA ALA D 132 -9.00 -7.88 0.89
C ALA D 132 -9.93 -7.73 -0.31
N ARG D 133 -10.34 -8.84 -0.92
CA ARG D 133 -11.29 -8.80 -2.02
C ARG D 133 -12.61 -8.17 -1.59
N LYS D 134 -13.11 -8.56 -0.42
CA LYS D 134 -14.34 -7.96 0.10
C LYS D 134 -14.19 -6.45 0.25
N HIS D 135 -13.18 -6.01 1.01
CA HIS D 135 -12.98 -4.59 1.24
C HIS D 135 -12.85 -3.81 -0.07
N GLN D 136 -12.17 -4.39 -1.06
CA GLN D 136 -12.05 -3.73 -2.35
C GLN D 136 -13.38 -3.69 -3.07
N ALA D 137 -14.15 -4.78 -3.03
CA ALA D 137 -15.46 -4.80 -3.64
C ALA D 137 -16.40 -3.81 -2.96
N ILE D 138 -16.23 -3.61 -1.66
CA ILE D 138 -16.98 -2.54 -0.98
C ILE D 138 -16.72 -1.20 -1.65
N TRP D 139 -15.44 -0.87 -1.82
CA TRP D 139 -15.09 0.45 -2.35
C TRP D 139 -15.44 0.57 -3.83
N ARG D 140 -15.28 -0.50 -4.60
CA ARG D 140 -15.69 -0.46 -6.00
C ARG D 140 -17.17 -0.16 -6.13
N GLU D 141 -18.00 -0.76 -5.27
CA GLU D 141 -19.44 -0.50 -5.31
C GLU D 141 -19.76 0.94 -4.97
N LYS D 142 -19.18 1.45 -3.87
CA LYS D 142 -19.45 2.82 -3.45
C LYS D 142 -18.96 3.82 -4.49
N ILE D 143 -17.72 3.64 -4.96
CA ILE D 143 -17.11 4.59 -5.89
C ILE D 143 -17.88 4.59 -7.21
N THR D 144 -18.19 3.41 -7.74
CA THR D 144 -18.89 3.33 -9.02
C THR D 144 -20.26 3.99 -8.94
N ALA D 145 -21.03 3.66 -7.90
CA ALA D 145 -22.36 4.25 -7.76
C ALA D 145 -22.28 5.77 -7.61
N VAL D 146 -21.28 6.26 -6.87
CA VAL D 146 -21.12 7.70 -6.72
C VAL D 146 -20.80 8.34 -8.06
N LEU D 147 -19.94 7.71 -8.86
CA LEU D 147 -19.53 8.30 -10.13
C LEU D 147 -20.69 8.40 -11.10
N THR D 148 -21.54 7.37 -11.16
CA THR D 148 -22.67 7.39 -12.09
C THR D 148 -23.69 8.45 -11.68
N GLU D 149 -23.96 8.57 -10.38
CA GLU D 149 -24.85 9.63 -9.91
C GLU D 149 -24.25 11.01 -10.13
N ALA D 150 -22.93 11.13 -10.14
CA ALA D 150 -22.31 12.45 -10.24
C ALA D 150 -22.22 12.93 -11.68
N VAL D 151 -22.29 12.03 -12.66
CA VAL D 151 -22.39 12.47 -14.05
C VAL D 151 -23.85 12.67 -14.44
N GLU D 152 -24.77 11.93 -13.82
CA GLU D 152 -26.20 12.18 -13.99
C GLU D 152 -26.68 13.39 -13.19
N ASN D 153 -25.76 14.14 -12.59
CA ASN D 153 -26.06 15.42 -11.95
C ASN D 153 -25.14 16.53 -12.46
N GLN D 154 -24.39 16.29 -13.54
CA GLN D 154 -23.43 17.17 -14.17
C GLN D 154 -22.28 17.58 -13.25
N ASP D 155 -22.18 17.01 -12.04
CA ASP D 155 -21.04 17.32 -11.19
C ASP D 155 -19.73 16.87 -11.83
N LEU D 156 -19.75 15.77 -12.58
CA LEU D 156 -18.63 15.39 -13.42
C LEU D 156 -19.11 15.22 -14.85
N ALA D 157 -18.16 15.26 -15.78
CA ALA D 157 -18.48 15.30 -17.20
C ALA D 157 -19.06 13.99 -17.68
N ASP D 158 -19.86 14.08 -18.75
CA ASP D 158 -20.50 12.89 -19.33
C ASP D 158 -19.48 11.98 -20.02
N ASP D 159 -18.31 12.49 -20.38
CA ASP D 159 -17.26 11.69 -20.99
C ASP D 159 -16.15 11.34 -20.01
N LEU D 160 -16.47 11.26 -18.72
CA LEU D 160 -15.51 10.85 -17.73
C LEU D 160 -15.13 9.38 -17.93
N ASP D 161 -13.83 9.09 -17.86
CA ASP D 161 -13.36 7.70 -17.92
C ASP D 161 -13.69 7.01 -16.61
N LYS D 162 -14.89 6.42 -16.52
CA LYS D 162 -15.35 5.86 -15.25
C LYS D 162 -14.47 4.71 -14.79
N GLU D 163 -14.02 3.87 -15.73
CA GLU D 163 -13.15 2.74 -15.37
C GLU D 163 -11.84 3.23 -14.78
N THR D 164 -11.18 4.18 -15.46
CA THR D 164 -9.95 4.76 -14.93
C THR D 164 -10.23 5.55 -13.66
N ALA D 165 -11.44 6.09 -13.52
CA ALA D 165 -11.75 6.91 -12.35
C ALA D 165 -11.76 6.08 -11.07
N VAL D 166 -12.30 4.87 -11.12
CA VAL D 166 -12.29 4.01 -9.93
C VAL D 166 -10.85 3.64 -9.55
N ILE D 167 -10.05 3.26 -10.55
CA ILE D 167 -8.64 2.96 -10.30
C ILE D 167 -7.94 4.20 -9.75
N PHE D 168 -8.20 5.37 -10.35
CA PHE D 168 -7.58 6.60 -9.89
C PHE D 168 -7.99 6.94 -8.47
N ILE D 169 -9.28 6.79 -8.14
CA ILE D 169 -9.75 7.12 -6.81
C ILE D 169 -9.17 6.16 -5.78
N LYS D 170 -9.32 4.85 -6.01
CA LYS D 170 -8.87 3.87 -5.02
C LYS D 170 -7.35 3.90 -4.87
N SER D 171 -6.62 4.12 -5.97
CA SER D 171 -5.17 4.27 -5.87
C SER D 171 -4.82 5.50 -5.03
N THR D 172 -5.51 6.61 -5.26
CA THR D 172 -5.26 7.82 -4.48
C THR D 172 -5.46 7.57 -2.99
N LEU D 173 -6.55 6.88 -2.64
CA LEU D 173 -6.88 6.67 -1.23
C LEU D 173 -5.99 5.59 -0.61
N ASP D 174 -5.76 4.50 -1.32
CA ASP D 174 -4.89 3.44 -0.80
C ASP D 174 -3.48 3.96 -0.58
N GLY D 175 -3.01 4.85 -1.45
CA GLY D 175 -1.67 5.39 -1.28
C GLY D 175 -1.54 6.29 -0.07
N LEU D 176 -2.57 7.10 0.19
CA LEU D 176 -2.56 7.94 1.39
C LEU D 176 -2.56 7.08 2.64
N ILE D 177 -3.40 6.05 2.67
CA ILE D 177 -3.46 5.14 3.81
C ILE D 177 -2.14 4.40 3.94
N TRP D 178 -1.62 3.88 2.82
CA TRP D 178 -0.33 3.17 2.86
C TRP D 178 0.77 4.09 3.36
N ARG D 179 0.90 5.28 2.76
CA ARG D 179 1.95 6.21 3.15
C ARG D 179 1.85 6.58 4.63
N TRP D 180 0.63 6.85 5.10
CA TRP D 180 0.43 7.23 6.49
C TRP D 180 0.87 6.09 7.42
N PHE D 181 0.43 4.87 7.12
CA PHE D 181 0.87 3.72 7.90
C PHE D 181 2.37 3.49 7.76
N SER D 182 2.86 3.41 6.52
CA SER D 182 4.26 3.09 6.28
C SER D 182 5.20 4.11 6.89
N SER D 183 4.80 5.38 6.92
CA SER D 183 5.62 6.40 7.57
C SER D 183 5.53 6.35 9.08
N GLY D 184 4.75 5.44 9.63
CA GLY D 184 4.54 5.42 11.07
C GLY D 184 3.71 6.60 11.53
N GLU D 185 2.73 7.01 10.73
CA GLU D 185 1.90 8.17 11.04
C GLU D 185 2.76 9.42 11.18
N SER D 186 3.75 9.57 10.32
CA SER D 186 4.66 10.71 10.40
C SER D 186 3.93 12.04 10.22
N PHE D 187 2.85 12.08 9.46
CA PHE D 187 2.18 13.34 9.14
C PHE D 187 0.75 13.35 9.63
N ASP D 188 0.20 14.56 9.76
CA ASP D 188 -1.18 14.76 10.22
C ASP D 188 -2.13 14.38 9.09
N LEU D 189 -2.83 13.26 9.26
CA LEU D 189 -3.82 12.87 8.27
C LEU D 189 -5.09 13.71 8.37
N GLY D 190 -5.36 14.30 9.55
CA GLY D 190 -6.49 15.21 9.66
C GLY D 190 -6.33 16.43 8.77
N LYS D 191 -5.09 16.83 8.48
CA LYS D 191 -4.83 17.94 7.58
C LYS D 191 -4.51 17.47 6.16
N THR D 192 -3.83 16.34 6.03
CA THR D 192 -3.35 15.89 4.73
C THR D 192 -4.49 15.29 3.89
N ALA D 193 -5.31 14.44 4.50
CA ALA D 193 -6.39 13.79 3.74
C ALA D 193 -7.35 14.79 3.12
N PRO D 194 -7.84 15.82 3.82
CA PRO D 194 -8.67 16.83 3.13
C PRO D 194 -8.01 17.43 1.90
N ARG D 195 -6.71 17.74 1.99
CA ARG D 195 -5.99 18.25 0.83
C ARG D 195 -5.94 17.23 -0.28
N ILE D 196 -5.52 16.00 0.04
CA ILE D 196 -5.34 14.98 -0.98
C ILE D 196 -6.70 14.53 -1.54
N ILE D 197 -7.75 14.55 -0.72
CA ILE D 197 -9.08 14.24 -1.24
C ILE D 197 -9.55 15.35 -2.18
N GLY D 198 -9.40 16.61 -1.77
CA GLY D 198 -9.87 17.71 -2.60
C GLY D 198 -9.15 17.79 -3.93
N ILE D 199 -7.84 17.58 -3.93
CA ILE D 199 -7.09 17.54 -5.19
C ILE D 199 -7.58 16.38 -6.05
N MET D 200 -7.85 15.23 -5.41
CA MET D 200 -8.37 14.08 -6.15
C MET D 200 -9.73 14.39 -6.77
N MET D 201 -10.63 15.00 -6.00
CA MET D 201 -11.95 15.32 -6.52
C MET D 201 -11.91 16.47 -7.52
N ASP D 202 -10.98 17.42 -7.35
CA ASP D 202 -10.79 18.43 -8.38
C ASP D 202 -10.27 17.81 -9.67
N ASN D 203 -9.42 16.77 -9.55
CA ASN D 203 -8.89 16.13 -10.74
C ASN D 203 -9.99 15.42 -11.53
N LEU D 204 -10.96 14.82 -10.82
CA LEU D 204 -12.05 14.15 -11.50
C LEU D 204 -13.02 15.11 -12.17
N GLU D 205 -13.01 16.37 -11.75
CA GLU D 205 -13.89 17.36 -12.37
C GLU D 205 -13.23 17.98 -13.60
N ASN D 206 -11.92 18.23 -13.56
CA ASN D 206 -11.28 19.09 -14.54
C ASN D 206 -10.06 18.49 -15.24
N HIS D 207 -9.60 17.30 -14.85
CA HIS D 207 -8.41 16.90 -15.59
C HIS D 207 -8.81 16.15 -16.86
N PRO D 208 -8.24 16.51 -18.01
CA PRO D 208 -8.65 15.88 -19.27
C PRO D 208 -8.23 14.43 -19.41
N CYS D 209 -7.21 13.98 -18.69
CA CYS D 209 -6.77 12.59 -18.78
C CYS D 209 -7.71 11.62 -18.06
N LEU D 210 -8.55 12.14 -17.16
CA LEU D 210 -9.65 11.34 -16.63
C LEU D 210 -10.88 11.40 -17.54
N ARG D 211 -10.72 11.96 -18.73
CA ARG D 211 -11.70 11.88 -19.80
C ARG D 211 -11.23 10.85 -20.83
N ARG D 212 -12.15 10.45 -21.70
CA ARG D 212 -11.85 9.45 -22.72
C ARG D 212 -11.33 10.10 -24.00
CA CA E . 5.65 -23.25 3.64
CA CA F . -11.88 -25.85 34.63
CA CA G . 16.33 -24.28 17.53
CA CA H . 22.57 -40.83 17.44
CA CA I . -0.43 -31.04 14.26
CA CA J . -9.79 5.80 19.88
CA CA K . 4.83 -15.52 18.47
CA CA L . -6.44 -8.28 27.31
#